data_8T8K
#
_entry.id   8T8K
#
_cell.length_a   72.714
_cell.length_b   86.534
_cell.length_c   79.139
_cell.angle_alpha   90.00
_cell.angle_beta   90.00
_cell.angle_gamma   90.00
#
_symmetry.space_group_name_H-M   'C 2 2 21'
#
loop_
_entity.id
_entity.type
_entity.pdbx_description
1 polymer 'DUF507 family protein'
2 non-polymer HEXANE-1,6-DIOL
3 water water
#
_entity_poly.entity_id   1
_entity_poly.type   'polypeptide(L)'
_entity_poly.pdbx_seq_one_letter_code
;SMRLPERLVEAIAESIIQKLGKEEGILELEDPATFKKKIISLFKEADREEKELEEKAKAVLRENLEVLERENIDYRTAFL
AVKRKLAEEMNINVDRRERLNQIINRIMDLIMKDESVEIYEDPPVIRKKIREIVLGALKIEEEIEKTVRQRIKKYSRDLL
EGSPEWQILWKRIYEDELKKRGLA
;
_entity_poly.pdbx_strand_id   A
#
loop_
_chem_comp.id
_chem_comp.type
_chem_comp.name
_chem_comp.formula
HEZ non-polymer HEXANE-1,6-DIOL 'C6 H14 O2'
#
# COMPACT_ATOMS: atom_id res chain seq x y z
N MET A 2 1.87 -4.72 5.00
CA MET A 2 1.76 -4.30 3.60
C MET A 2 2.07 -2.82 3.44
N ARG A 3 3.33 -2.51 3.17
CA ARG A 3 3.79 -1.13 3.05
C ARG A 3 3.57 -0.60 1.64
N LEU A 4 3.16 0.66 1.56
CA LEU A 4 3.08 1.40 0.30
C LEU A 4 3.74 2.75 0.52
N PRO A 5 5.08 2.80 0.47
CA PRO A 5 5.78 4.06 0.77
C PRO A 5 5.43 5.14 -0.24
N GLU A 6 5.70 6.40 0.16
CA GLU A 6 5.36 7.54 -0.68
C GLU A 6 6.01 7.43 -2.05
N ARG A 7 7.26 6.96 -2.12
CA ARG A 7 7.95 6.89 -3.41
C ARG A 7 7.31 5.87 -4.34
N LEU A 8 6.86 4.74 -3.80
CA LEU A 8 6.17 3.75 -4.62
C LEU A 8 4.86 4.30 -5.16
N VAL A 9 4.08 4.97 -4.30
CA VAL A 9 2.81 5.56 -4.73
C VAL A 9 3.04 6.57 -5.84
N GLU A 10 4.04 7.44 -5.69
CA GLU A 10 4.33 8.44 -6.71
C GLU A 10 4.81 7.80 -8.00
N ALA A 11 5.59 6.73 -7.92
CA ALA A 11 6.03 6.04 -9.12
C ALA A 11 4.86 5.42 -9.87
N ILE A 12 3.89 4.87 -9.13
CA ILE A 12 2.72 4.28 -9.78
C ILE A 12 1.88 5.36 -10.44
N ALA A 13 1.60 6.45 -9.71
CA ALA A 13 0.79 7.53 -10.26
C ALA A 13 1.43 8.13 -11.52
N GLU A 14 2.74 8.40 -11.45
CA GLU A 14 3.42 8.96 -12.60
C GLU A 14 3.41 7.98 -13.77
N SER A 15 3.63 6.69 -13.49
CA SER A 15 3.67 5.71 -14.56
C SER A 15 2.30 5.56 -15.23
N ILE A 16 1.23 5.59 -14.45
CA ILE A 16 -0.12 5.58 -15.02
C ILE A 16 -0.30 6.75 -15.99
N ILE A 17 0.13 7.95 -15.56
CA ILE A 17 -0.05 9.14 -16.39
C ILE A 17 0.84 9.07 -17.63
N GLN A 18 2.07 8.63 -17.46
CA GLN A 18 3.01 8.62 -18.58
C GLN A 18 2.63 7.56 -19.60
N LYS A 19 2.35 6.34 -19.15
CA LYS A 19 2.13 5.23 -20.07
C LYS A 19 0.73 5.28 -20.68
N LEU A 20 -0.29 5.43 -19.84
CA LEU A 20 -1.66 5.38 -20.35
C LEU A 20 -2.13 6.73 -20.88
N GLY A 21 -1.62 7.81 -20.31
CA GLY A 21 -2.00 9.14 -20.76
C GLY A 21 -1.15 9.64 -21.90
N LYS A 22 0.16 9.76 -21.68
CA LYS A 22 1.03 10.37 -22.67
C LYS A 22 1.41 9.41 -23.78
N GLU A 23 1.81 8.19 -23.43
CA GLU A 23 2.32 7.27 -24.44
C GLU A 23 1.20 6.62 -25.26
N GLU A 24 0.34 5.84 -24.60
CA GLU A 24 -0.71 5.12 -25.32
C GLU A 24 -1.88 6.03 -25.68
N GLY A 25 -2.14 7.04 -24.86
CA GLY A 25 -3.25 7.94 -25.12
C GLY A 25 -4.62 7.35 -24.89
N ILE A 26 -4.73 6.22 -24.20
CA ILE A 26 -6.04 5.68 -23.88
C ILE A 26 -6.74 6.46 -22.78
N LEU A 27 -6.02 7.35 -22.11
CA LEU A 27 -6.57 8.28 -21.13
C LEU A 27 -6.28 9.70 -21.58
N GLU A 28 -7.28 10.57 -21.46
CA GLU A 28 -7.11 11.99 -21.72
C GLU A 28 -7.24 12.72 -20.39
N LEU A 29 -6.16 13.32 -19.93
CA LEU A 29 -6.11 13.99 -18.64
C LEU A 29 -6.03 15.49 -18.87
N GLU A 30 -7.12 16.20 -18.59
CA GLU A 30 -7.12 17.64 -18.76
C GLU A 30 -6.32 18.36 -17.67
N ASP A 31 -5.99 17.66 -16.59
CA ASP A 31 -5.20 18.25 -15.51
C ASP A 31 -4.35 17.15 -14.88
N PRO A 32 -3.25 16.77 -15.53
CA PRO A 32 -2.45 15.64 -15.01
C PRO A 32 -1.92 15.84 -13.61
N ALA A 33 -1.58 17.09 -13.23
CA ALA A 33 -1.05 17.33 -11.89
C ALA A 33 -2.09 17.05 -10.82
N THR A 34 -3.34 17.48 -11.04
CA THR A 34 -4.40 17.22 -10.08
C THR A 34 -4.75 15.74 -10.05
N PHE A 35 -4.82 15.13 -11.23
CA PHE A 35 -5.08 13.69 -11.31
C PHE A 35 -4.05 12.90 -10.52
N LYS A 36 -2.79 13.32 -10.57
CA LYS A 36 -1.74 12.64 -9.80
C LYS A 36 -1.99 12.80 -8.31
N LYS A 37 -2.37 14.01 -7.87
CA LYS A 37 -2.66 14.24 -6.46
C LYS A 37 -3.84 13.40 -6.01
N LYS A 38 -4.85 13.23 -6.86
CA LYS A 38 -6.00 12.41 -6.51
C LYS A 38 -5.62 10.95 -6.37
N ILE A 39 -4.73 10.45 -7.22
CA ILE A 39 -4.27 9.07 -7.08
C ILE A 39 -3.50 8.90 -5.77
N ILE A 40 -2.59 9.85 -5.48
CA ILE A 40 -1.83 9.78 -4.23
C ILE A 40 -2.76 9.80 -3.03
N SER A 41 -3.82 10.61 -3.08
CA SER A 41 -4.77 10.65 -1.98
C SER A 41 -5.50 9.33 -1.81
N LEU A 42 -5.74 8.60 -2.90
CA LEU A 42 -6.37 7.29 -2.79
C LEU A 42 -5.49 6.34 -1.99
N PHE A 43 -4.19 6.30 -2.28
CA PHE A 43 -3.29 5.44 -1.52
C PHE A 43 -3.20 5.88 -0.07
N LYS A 44 -3.17 7.18 0.19
CA LYS A 44 -3.15 7.66 1.57
C LYS A 44 -4.39 7.21 2.32
N GLU A 45 -5.56 7.29 1.69
CA GLU A 45 -6.78 6.84 2.34
C GLU A 45 -6.76 5.34 2.57
N ALA A 46 -6.26 4.57 1.60
CA ALA A 46 -6.19 3.13 1.77
C ALA A 46 -5.23 2.76 2.89
N ASP A 47 -4.13 3.50 3.01
CA ASP A 47 -3.20 3.31 4.12
C ASP A 47 -3.87 3.63 5.46
N ARG A 48 -4.64 4.71 5.51
CA ARG A 48 -5.34 5.06 6.75
C ARG A 48 -6.31 3.97 7.15
N GLU A 49 -6.99 3.36 6.17
CA GLU A 49 -7.89 2.25 6.47
C GLU A 49 -7.15 1.08 7.07
N GLU A 50 -5.97 0.74 6.53
CA GLU A 50 -5.18 -0.35 7.08
C GLU A 50 -4.72 -0.05 8.49
N LYS A 51 -4.36 1.20 8.77
CA LYS A 51 -3.97 1.59 10.11
C LYS A 51 -5.16 1.53 11.06
N GLU A 52 -6.34 1.91 10.58
CA GLU A 52 -7.55 1.79 11.40
C GLU A 52 -7.85 0.34 11.70
N LEU A 53 -7.62 -0.54 10.73
CA LEU A 53 -7.82 -1.98 10.96
C LEU A 53 -6.92 -2.49 12.06
N GLU A 54 -5.67 -2.01 12.09
CA GLU A 54 -4.72 -2.42 13.13
C GLU A 54 -5.16 -1.93 14.50
N GLU A 55 -5.56 -0.68 14.61
CA GLU A 55 -5.96 -0.14 15.91
C GLU A 55 -7.20 -0.83 16.44
N LYS A 56 -8.15 -1.14 15.57
CA LYS A 56 -9.34 -1.87 16.02
C LYS A 56 -8.98 -3.29 16.46
N ALA A 57 -8.04 -3.92 15.77
CA ALA A 57 -7.60 -5.26 16.18
C ALA A 57 -6.87 -5.23 17.51
N LYS A 58 -5.97 -4.25 17.70
CA LYS A 58 -5.31 -4.10 18.98
C LYS A 58 -6.29 -3.73 20.08
N ALA A 59 -7.37 -3.02 19.74
CA ALA A 59 -8.38 -2.67 20.73
C ALA A 59 -9.09 -3.91 21.24
N VAL A 60 -9.48 -4.82 20.34
CA VAL A 60 -10.11 -6.07 20.75
C VAL A 60 -9.22 -6.79 21.76
N LEU A 61 -7.94 -6.99 21.41
CA LEU A 61 -7.05 -7.77 22.26
C LEU A 61 -6.74 -7.04 23.56
N ARG A 62 -6.63 -5.71 23.51
CA ARG A 62 -6.45 -4.93 24.73
C ARG A 62 -7.60 -5.16 25.70
N GLU A 63 -8.83 -5.21 25.18
CA GLU A 63 -10.00 -5.43 26.01
C GLU A 63 -10.14 -6.87 26.49
N ASN A 64 -9.39 -7.81 25.90
CA ASN A 64 -9.50 -9.22 26.24
C ASN A 64 -8.20 -9.79 26.78
N LEU A 65 -7.41 -8.95 27.45
CA LEU A 65 -6.15 -9.42 28.04
C LEU A 65 -6.39 -10.61 28.96
N GLU A 66 -7.33 -10.48 29.90
CA GLU A 66 -7.53 -11.55 30.88
C GLU A 66 -8.05 -12.82 30.23
N VAL A 67 -8.85 -12.68 29.17
CA VAL A 67 -9.38 -13.84 28.46
C VAL A 67 -8.27 -14.57 27.72
N LEU A 68 -7.40 -13.83 27.05
CA LEU A 68 -6.29 -14.46 26.32
C LEU A 68 -5.43 -15.28 27.26
N GLU A 69 -5.15 -14.75 28.46
CA GLU A 69 -4.39 -15.50 29.45
C GLU A 69 -5.14 -16.76 29.86
N ARG A 70 -6.43 -16.64 30.14
CA ARG A 70 -7.21 -17.81 30.55
C ARG A 70 -7.34 -18.82 29.41
N GLU A 71 -7.40 -18.35 28.16
CA GLU A 71 -7.49 -19.23 27.02
C GLU A 71 -6.15 -19.84 26.62
N ASN A 72 -5.04 -19.29 27.11
CA ASN A 72 -3.71 -19.72 26.70
C ASN A 72 -3.51 -19.53 25.21
N ILE A 73 -4.04 -18.43 24.67
CA ILE A 73 -3.85 -18.08 23.27
C ILE A 73 -2.89 -16.90 23.22
N ASP A 74 -1.79 -17.09 22.50
CA ASP A 74 -0.77 -16.06 22.37
C ASP A 74 -1.34 -14.83 21.67
N TYR A 75 -0.90 -13.65 22.12
CA TYR A 75 -1.33 -12.38 21.52
C TYR A 75 -1.16 -12.40 20.01
N ARG A 76 -0.06 -12.97 19.52
CA ARG A 76 0.21 -12.93 18.09
C ARG A 76 -0.77 -13.82 17.32
N THR A 77 -1.16 -14.95 17.90
CA THR A 77 -2.17 -15.81 17.30
C THR A 77 -3.52 -15.13 17.25
N ALA A 78 -3.92 -14.51 18.37
CA ALA A 78 -5.20 -13.82 18.42
C ALA A 78 -5.20 -12.60 17.49
N PHE A 79 -4.06 -11.93 17.36
CA PHE A 79 -4.01 -10.73 16.53
C PHE A 79 -4.27 -11.06 15.07
N LEU A 80 -3.63 -12.10 14.55
CA LEU A 80 -3.84 -12.50 13.16
C LEU A 80 -5.28 -12.93 12.93
N ALA A 81 -5.86 -13.66 13.87
CA ALA A 81 -7.23 -14.11 13.74
C ALA A 81 -8.21 -12.94 13.80
N VAL A 82 -8.04 -12.05 14.77
CA VAL A 82 -8.91 -10.88 14.88
C VAL A 82 -8.78 -10.01 13.65
N LYS A 83 -7.56 -9.84 13.14
CA LYS A 83 -7.36 -9.00 11.96
C LYS A 83 -8.04 -9.61 10.75
N ARG A 84 -7.99 -10.93 10.60
CA ARG A 84 -8.69 -11.59 9.50
C ARG A 84 -10.19 -11.29 9.56
N LYS A 85 -10.76 -11.34 10.76
CA LYS A 85 -12.20 -11.11 10.90
C LYS A 85 -12.55 -9.65 10.63
N LEU A 86 -11.82 -8.72 11.26
CA LEU A 86 -12.11 -7.31 11.04
C LEU A 86 -11.87 -6.90 9.60
N ALA A 87 -10.87 -7.49 8.95
CA ALA A 87 -10.59 -7.14 7.56
C ALA A 87 -11.77 -7.47 6.67
N GLU A 88 -12.40 -8.62 6.89
CA GLU A 88 -13.60 -8.95 6.13
C GLU A 88 -14.75 -8.00 6.45
N GLU A 89 -14.95 -7.70 7.74
CA GLU A 89 -16.03 -6.78 8.11
C GLU A 89 -15.80 -5.39 7.55
N MET A 90 -14.54 -4.98 7.41
CA MET A 90 -14.20 -3.67 6.84
C MET A 90 -13.92 -3.73 5.35
N ASN A 91 -14.08 -4.90 4.73
CA ASN A 91 -13.80 -5.08 3.30
C ASN A 91 -12.39 -4.59 2.94
N ILE A 92 -11.40 -5.06 3.70
CA ILE A 92 -10.00 -4.74 3.47
C ILE A 92 -9.28 -6.05 3.22
N ASN A 93 -8.72 -6.21 2.02
CA ASN A 93 -7.96 -7.42 1.72
C ASN A 93 -6.62 -7.37 2.44
N VAL A 94 -6.26 -8.48 3.08
CA VAL A 94 -5.02 -8.51 3.87
C VAL A 94 -3.81 -8.74 2.99
N ASP A 95 -3.94 -9.62 1.99
CA ASP A 95 -2.85 -9.82 1.04
C ASP A 95 -2.59 -8.53 0.27
N ARG A 96 -1.31 -8.12 0.23
CA ARG A 96 -0.99 -6.84 -0.39
C ARG A 96 -1.36 -6.82 -1.86
N ARG A 97 -1.22 -7.95 -2.55
CA ARG A 97 -1.62 -8.00 -3.96
C ARG A 97 -3.13 -7.89 -4.11
N GLU A 98 -3.90 -8.61 -3.29
CA GLU A 98 -5.35 -8.47 -3.32
C GLU A 98 -5.78 -7.09 -2.84
N ARG A 99 -5.03 -6.50 -1.90
CA ARG A 99 -5.31 -5.14 -1.46
C ARG A 99 -5.03 -4.14 -2.57
N LEU A 100 -3.97 -4.38 -3.36
CA LEU A 100 -3.68 -3.50 -4.48
C LEU A 100 -4.75 -3.59 -5.56
N ASN A 101 -5.35 -4.77 -5.74
CA ASN A 101 -6.47 -4.89 -6.67
C ASN A 101 -7.64 -4.00 -6.25
N GLN A 102 -7.90 -3.91 -4.94
CA GLN A 102 -8.90 -2.97 -4.46
C GLN A 102 -8.50 -1.54 -4.78
N ILE A 103 -7.24 -1.18 -4.48
CA ILE A 103 -6.76 0.16 -4.78
C ILE A 103 -6.83 0.44 -6.28
N ILE A 104 -6.45 -0.55 -7.09
CA ILE A 104 -6.54 -0.38 -8.54
C ILE A 104 -7.98 -0.09 -8.97
N ASN A 105 -8.95 -0.80 -8.37
CA ASN A 105 -10.35 -0.55 -8.68
C ASN A 105 -10.75 0.86 -8.24
N ARG A 106 -10.22 1.33 -7.12
CA ARG A 106 -10.46 2.71 -6.70
C ARG A 106 -9.87 3.70 -7.68
N ILE A 107 -8.72 3.36 -8.28
CA ILE A 107 -8.17 4.21 -9.33
C ILE A 107 -9.10 4.20 -10.53
N MET A 108 -9.65 3.04 -10.88
CA MET A 108 -10.64 2.99 -11.96
C MET A 108 -11.88 3.79 -11.61
N ASP A 109 -12.35 3.68 -10.37
CA ASP A 109 -13.49 4.49 -9.93
C ASP A 109 -13.19 5.97 -10.09
N LEU A 110 -11.98 6.40 -9.70
CA LEU A 110 -11.58 7.79 -9.89
C LEU A 110 -11.59 8.17 -11.36
N ILE A 111 -10.94 7.35 -12.20
CA ILE A 111 -10.88 7.60 -13.63
C ILE A 111 -12.29 7.75 -14.21
N MET A 112 -13.21 6.88 -13.79
CA MET A 112 -14.54 6.87 -14.39
C MET A 112 -15.38 8.07 -13.95
N LYS A 113 -15.20 8.53 -12.71
CA LYS A 113 -16.00 9.64 -12.20
C LYS A 113 -15.34 11.00 -12.39
N ASP A 114 -14.07 11.05 -12.73
CA ASP A 114 -13.36 12.31 -12.87
C ASP A 114 -13.82 13.00 -14.15
N GLU A 115 -14.54 14.12 -14.00
CA GLU A 115 -15.01 14.88 -15.15
C GLU A 115 -13.88 15.48 -15.97
N SER A 116 -12.68 15.56 -15.41
CA SER A 116 -11.50 16.05 -16.11
C SER A 116 -10.71 14.94 -16.80
N VAL A 117 -11.27 13.75 -16.89
CA VAL A 117 -10.62 12.60 -17.52
C VAL A 117 -11.55 12.03 -18.56
N GLU A 118 -11.02 11.67 -19.73
CA GLU A 118 -11.75 10.91 -20.73
C GLU A 118 -11.00 9.60 -20.99
N ILE A 119 -11.75 8.55 -21.29
CA ILE A 119 -11.19 7.26 -21.63
C ILE A 119 -11.57 6.93 -23.06
N TYR A 120 -10.71 6.17 -23.73
CA TYR A 120 -10.95 5.76 -25.10
C TYR A 120 -10.96 4.26 -25.26
N GLU A 121 -10.77 3.51 -24.18
CA GLU A 121 -10.70 2.05 -24.25
C GLU A 121 -11.63 1.45 -23.21
N ASP A 122 -11.98 0.19 -23.44
CA ASP A 122 -12.84 -0.56 -22.53
C ASP A 122 -12.26 -0.52 -21.12
N PRO A 123 -13.05 -0.13 -20.11
CA PRO A 123 -12.53 0.03 -18.74
C PRO A 123 -11.80 -1.21 -18.22
N PRO A 124 -12.32 -2.43 -18.41
CA PRO A 124 -11.56 -3.58 -17.91
C PRO A 124 -10.19 -3.74 -18.57
N VAL A 125 -10.03 -3.26 -19.79
CA VAL A 125 -8.71 -3.28 -20.42
C VAL A 125 -7.81 -2.23 -19.79
N ILE A 126 -8.37 -1.05 -19.48
CA ILE A 126 -7.59 -0.04 -18.77
C ILE A 126 -7.15 -0.57 -17.42
N ARG A 127 -8.05 -1.28 -16.72
CA ARG A 127 -7.68 -1.86 -15.44
C ARG A 127 -6.55 -2.86 -15.59
N LYS A 128 -6.62 -3.73 -16.60
CA LYS A 128 -5.55 -4.68 -16.82
C LYS A 128 -4.21 -3.98 -17.02
N LYS A 129 -4.21 -2.84 -17.74
CA LYS A 129 -2.97 -2.11 -17.97
C LYS A 129 -2.48 -1.42 -16.70
N ILE A 130 -3.39 -0.93 -15.86
CA ILE A 130 -2.98 -0.36 -14.59
C ILE A 130 -2.42 -1.45 -13.68
N ARG A 131 -3.04 -2.63 -13.69
CA ARG A 131 -2.51 -3.74 -12.93
C ARG A 131 -1.08 -4.08 -13.35
N GLU A 132 -0.82 -4.09 -14.66
CA GLU A 132 0.53 -4.39 -15.13
C GLU A 132 1.53 -3.34 -14.64
N ILE A 133 1.12 -2.07 -14.63
CA ILE A 133 1.98 -0.99 -14.13
C ILE A 133 2.22 -1.16 -12.63
N VAL A 134 1.16 -1.44 -11.88
CA VAL A 134 1.31 -1.60 -10.43
C VAL A 134 2.20 -2.81 -10.12
N LEU A 135 1.98 -3.92 -10.81
CA LEU A 135 2.77 -5.12 -10.55
C LEU A 135 4.24 -4.89 -10.88
N GLY A 136 4.53 -4.17 -11.96
CA GLY A 136 5.91 -3.86 -12.29
C GLY A 136 6.57 -3.01 -11.23
N ALA A 137 5.86 -2.02 -10.70
CA ALA A 137 6.41 -1.20 -9.62
C ALA A 137 6.55 -2.01 -8.34
N LEU A 138 5.64 -2.94 -8.09
CA LEU A 138 5.75 -3.76 -6.88
C LEU A 138 6.96 -4.68 -6.93
N LYS A 139 7.33 -5.15 -8.14
CA LYS A 139 8.53 -5.95 -8.25
C LYS A 139 9.76 -5.17 -7.82
N ILE A 140 9.81 -3.88 -8.18
CA ILE A 140 10.90 -3.03 -7.72
C ILE A 140 10.82 -2.81 -6.22
N GLU A 141 9.62 -2.49 -5.71
CA GLU A 141 9.45 -2.29 -4.27
C GLU A 141 9.90 -3.52 -3.49
N GLU A 142 9.59 -4.71 -4.00
CA GLU A 142 9.89 -5.94 -3.26
C GLU A 142 11.39 -6.20 -3.21
N GLU A 143 12.11 -5.95 -4.31
CA GLU A 143 13.55 -6.17 -4.28
C GLU A 143 14.24 -5.14 -3.40
N ILE A 144 13.66 -3.94 -3.27
CA ILE A 144 14.20 -2.95 -2.33
C ILE A 144 13.93 -3.39 -0.89
N GLU A 145 12.68 -3.79 -0.59
CA GLU A 145 12.36 -4.23 0.76
C GLU A 145 13.21 -5.42 1.18
N LYS A 146 13.54 -6.31 0.24
CA LYS A 146 14.39 -7.44 0.57
C LYS A 146 15.76 -6.99 1.05
N THR A 147 16.30 -5.93 0.43
CA THR A 147 17.59 -5.40 0.88
C THR A 147 17.45 -4.66 2.21
N VAL A 148 16.34 -3.95 2.39
CA VAL A 148 16.12 -3.25 3.66
C VAL A 148 16.07 -4.24 4.82
N ARG A 149 15.41 -5.39 4.62
CA ARG A 149 15.36 -6.40 5.67
C ARG A 149 16.74 -6.98 5.95
N GLN A 150 17.57 -7.13 4.90
CA GLN A 150 18.93 -7.60 5.11
C GLN A 150 19.75 -6.57 5.88
N ARG A 151 19.52 -5.29 5.62
CA ARG A 151 20.30 -4.25 6.30
C ARG A 151 19.80 -3.97 7.70
N ILE A 152 18.49 -4.09 7.95
CA ILE A 152 17.97 -3.80 9.29
C ILE A 152 18.12 -4.98 10.23
N LYS A 153 18.53 -6.14 9.73
CA LYS A 153 18.71 -7.30 10.59
C LYS A 153 19.73 -7.03 11.69
N LYS A 154 20.83 -6.35 11.35
CA LYS A 154 21.87 -6.10 12.34
C LYS A 154 21.42 -5.15 13.44
N TYR A 155 20.29 -4.46 13.26
CA TYR A 155 19.73 -3.61 14.32
C TYR A 155 18.48 -4.24 14.93
N SER A 156 18.15 -5.47 14.56
CA SER A 156 16.87 -6.07 14.95
C SER A 156 16.74 -6.21 16.46
N ARG A 157 17.83 -6.57 17.15
CA ARG A 157 17.72 -6.80 18.59
C ARG A 157 17.82 -5.52 19.41
N ASP A 158 18.38 -4.45 18.84
CA ASP A 158 18.50 -3.19 19.58
C ASP A 158 17.22 -2.36 19.56
N LEU A 159 16.27 -2.70 18.69
CA LEU A 159 15.00 -1.99 18.60
C LEU A 159 13.87 -3.00 18.61
N LEU A 160 12.75 -2.63 19.23
CA LEU A 160 11.56 -3.46 19.19
C LEU A 160 10.99 -3.47 17.77
N GLU A 161 10.93 -4.65 17.16
CA GLU A 161 10.46 -4.74 15.78
C GLU A 161 9.02 -4.23 15.68
N GLY A 162 8.80 -3.30 14.75
CA GLY A 162 7.51 -2.69 14.56
C GLY A 162 7.28 -1.42 15.37
N SER A 163 8.13 -1.13 16.35
CA SER A 163 7.95 0.05 17.18
C SER A 163 8.18 1.31 16.36
N PRO A 164 7.73 2.48 16.87
CA PRO A 164 7.98 3.72 16.13
C PRO A 164 9.44 3.97 15.83
N GLU A 165 10.33 3.65 16.77
CA GLU A 165 11.76 3.80 16.51
C GLU A 165 12.21 2.86 15.41
N TRP A 166 11.66 1.65 15.37
CA TRP A 166 11.98 0.70 14.32
C TRP A 166 11.43 1.15 12.97
N GLN A 167 10.24 1.75 12.96
CA GLN A 167 9.67 2.25 11.71
C GLN A 167 10.52 3.38 11.13
N ILE A 168 11.06 4.23 12.00
CA ILE A 168 11.91 5.34 11.54
C ILE A 168 13.17 4.81 10.89
N LEU A 169 13.82 3.83 11.53
CA LEU A 169 15.03 3.24 10.96
C LEU A 169 14.73 2.52 9.65
N TRP A 170 13.61 1.78 9.59
CA TRP A 170 13.22 1.16 8.34
C TRP A 170 13.10 2.20 7.23
N LYS A 171 12.40 3.30 7.52
CA LYS A 171 12.25 4.36 6.52
C LYS A 171 13.61 4.96 6.17
N ARG A 172 14.49 5.14 7.15
CA ARG A 172 15.79 5.71 6.86
C ARG A 172 16.61 4.78 5.97
N ILE A 173 16.57 3.47 6.24
CA ILE A 173 17.28 2.53 5.38
C ILE A 173 16.62 2.46 4.01
N TYR A 174 15.29 2.50 3.97
CA TYR A 174 14.57 2.50 2.69
C TYR A 174 14.98 3.70 1.83
N GLU A 175 14.98 4.90 2.41
CA GLU A 175 15.38 6.09 1.65
C GLU A 175 16.81 5.96 1.16
N ASP A 176 17.69 5.35 1.96
CA ASP A 176 19.07 5.17 1.55
C ASP A 176 19.17 4.22 0.36
N GLU A 177 18.39 3.14 0.38
CA GLU A 177 18.34 2.25 -0.77
C GLU A 177 17.85 2.99 -2.02
N LEU A 178 16.84 3.85 -1.86
CA LEU A 178 16.35 4.61 -3.01
C LEU A 178 17.44 5.48 -3.60
N LYS A 179 18.25 6.11 -2.75
CA LYS A 179 19.34 6.96 -3.24
C LYS A 179 20.40 6.12 -3.96
N LYS A 180 20.82 5.02 -3.34
CA LYS A 180 21.84 4.16 -3.96
C LYS A 180 21.38 3.62 -5.31
N ARG A 181 20.08 3.36 -5.46
CA ARG A 181 19.52 2.83 -6.68
C ARG A 181 19.09 3.91 -7.66
N GLY A 182 19.28 5.18 -7.33
CA GLY A 182 18.87 6.25 -8.21
C GLY A 182 17.39 6.46 -8.29
N LEU A 183 16.63 5.93 -7.33
CA LEU A 183 15.17 6.05 -7.33
C LEU A 183 14.68 7.17 -6.42
N ALA A 184 15.52 8.19 -6.21
CA ALA A 184 15.19 9.36 -5.39
C ALA A 184 14.92 8.97 -3.95
O1 HEZ B . 3.72 -10.07 11.54
C1 HEZ B . 3.17 -9.23 12.52
C2 HEZ B . 1.96 -9.94 13.15
C3 HEZ B . 2.41 -10.80 14.33
C4 HEZ B . 2.68 -9.88 15.52
C5 HEZ B . 1.38 -9.22 15.97
C6 HEZ B . 1.68 -8.13 16.98
O6 HEZ B . 3.02 -8.22 17.37
#